data_6VPT
#
_entry.id   6VPT
#
_cell.length_a   124.900
_cell.length_b   76.428
_cell.length_c   50.123
_cell.angle_alpha   90.000
_cell.angle_beta   91.640
_cell.angle_gamma   90.000
#
_symmetry.space_group_name_H-M   'C 1 2 1'
#
loop_
_entity.id
_entity.type
_entity.pdbx_description
1 polymer Cyclase
2 water water
#
_entity_poly.entity_id   1
_entity_poly.type   'polypeptide(L)'
_entity_poly.pdbx_seq_one_letter_code
;METFRTLLAKAALGNGISSTAYDTAWVAKLGQLDDELSDLALNWLCERQLPDGSWGAEFPFCYEDRLLSTLAAMISLTSN
KHRRRRAAQVEKGLLALKNLTSGAFEGPQLDIKDATVGFELIAPTLMAEAARLGLAICHEESILGELVGVREQKLRKLGG
SKINKHITAAFSVELAGQDGVGMLDVDNLQETNGSVKYSPSASAYFALHVKPGDKRALAYISSIIQAGDGGAPAFYQAEI
FEIVWSLWNLSRTDIDLSDPEIVRTYLPYLDHVEQHWVRGRGVGWTGNSTLEDCDTTSVAYDVLSKFGRSPDIGAVLQFE
DADWFRTYFHEVGPSISTNVHVLGALKQAGYDKCHPRVRKVLEFIRSSKEPGRFCWRDKWHRSAYYTTAHLICAASNYDD
ALCSDAIGWILNTQRPDGSWGFFDGQATAEETAYCIQALAHWQRHSGTSLSAQISRAGGWLSQHCEPPYAPLWIAKTLYC
SATVVKAAILSALRLVDESNQ
;
_entity_poly.pdbx_strand_id   A
#
# COMPACT_ATOMS: atom_id res chain seq x y z
N GLU A 2 20.90 6.46 10.02
CA GLU A 2 20.22 6.17 8.77
C GLU A 2 20.34 7.33 7.79
N THR A 3 20.78 7.01 6.58
CA THR A 3 20.91 7.98 5.49
C THR A 3 20.19 7.42 4.26
N PHE A 4 19.95 8.30 3.29
CA PHE A 4 19.33 7.86 2.05
C PHE A 4 20.15 6.78 1.36
N ARG A 5 21.48 6.86 1.46
CA ARG A 5 22.33 5.85 0.85
C ARG A 5 22.05 4.47 1.45
N THR A 6 22.03 4.36 2.77
CA THR A 6 21.73 3.11 3.45
C THR A 6 20.26 2.72 3.31
N LEU A 7 19.38 3.70 3.09
CA LEU A 7 17.96 3.43 2.96
C LEU A 7 17.62 2.89 1.59
N LEU A 8 18.27 3.43 0.55
CA LEU A 8 18.09 2.89 -0.79
C LEU A 8 18.69 1.49 -0.89
N ALA A 9 19.78 1.23 -0.17
CA ALA A 9 20.32 -0.12 -0.11
C ALA A 9 19.29 -1.08 0.46
N LYS A 10 18.58 -0.68 1.51
CA LYS A 10 17.51 -1.50 2.05
C LYS A 10 16.36 -1.63 1.06
N ALA A 11 16.01 -0.53 0.39
CA ALA A 11 14.92 -0.55 -0.58
C ALA A 11 15.17 -1.58 -1.68
N ALA A 12 16.43 -1.79 -2.04
CA ALA A 12 16.76 -2.75 -3.09
C ALA A 12 16.36 -4.17 -2.71
N LEU A 13 16.27 -4.47 -1.42
CA LEU A 13 15.80 -5.79 -0.98
C LEU A 13 14.30 -5.97 -1.14
N GLY A 14 13.53 -4.88 -1.17
CA GLY A 14 12.10 -4.99 -1.33
C GLY A 14 11.39 -5.70 -0.20
N ASN A 15 11.95 -5.64 1.02
CA ASN A 15 11.40 -6.31 2.19
C ASN A 15 11.08 -5.34 3.32
N GLY A 16 10.78 -4.09 2.98
CA GLY A 16 10.44 -3.11 3.98
C GLY A 16 9.02 -3.18 4.49
N ILE A 17 8.17 -3.99 3.86
CA ILE A 17 6.77 -4.08 4.28
C ILE A 17 6.68 -5.01 5.48
N SER A 18 6.13 -4.49 6.58
CA SER A 18 6.02 -5.27 7.80
C SER A 18 4.97 -6.35 7.66
N SER A 19 5.05 -7.36 8.52
CA SER A 19 4.06 -8.42 8.47
C SER A 19 2.70 -7.90 8.93
N THR A 20 1.66 -8.47 8.35
CA THR A 20 0.28 -8.16 8.69
C THR A 20 -0.33 -9.37 9.36
N ALA A 21 -1.36 -9.13 10.18
CA ALA A 21 -2.10 -10.24 10.76
C ALA A 21 -2.78 -11.06 9.68
N TYR A 22 -3.24 -10.41 8.61
CA TYR A 22 -4.02 -11.11 7.59
C TYR A 22 -3.17 -12.09 6.81
N ASP A 23 -2.01 -11.64 6.32
CA ASP A 23 -1.12 -12.53 5.58
C ASP A 23 -0.47 -13.56 6.49
N THR A 24 -0.20 -13.19 7.75
CA THR A 24 0.32 -14.17 8.70
C THR A 24 -0.73 -15.22 9.05
N ALA A 25 -1.98 -14.79 9.23
CA ALA A 25 -3.05 -15.73 9.54
C ALA A 25 -3.22 -16.77 8.44
N TRP A 26 -3.05 -16.35 7.18
CA TRP A 26 -3.17 -17.28 6.06
C TRP A 26 -2.07 -18.33 6.09
N VAL A 27 -0.84 -17.91 6.38
CA VAL A 27 0.26 -18.87 6.53
C VAL A 27 -0.06 -19.87 7.63
N ALA A 28 -0.74 -19.41 8.68
CA ALA A 28 -1.04 -20.26 9.82
C ALA A 28 -2.02 -21.38 9.50
N LYS A 29 -2.74 -21.30 8.37
CA LYS A 29 -3.69 -22.32 7.97
C LYS A 29 -3.05 -23.51 7.27
N LEU A 30 -1.72 -23.51 7.13
CA LEU A 30 -1.01 -24.55 6.40
C LEU A 30 -0.50 -25.66 7.30
N GLY A 31 -1.04 -25.77 8.52
CA GLY A 31 -0.47 -26.67 9.52
C GLY A 31 -0.36 -28.11 9.07
N GLN A 32 -1.36 -28.61 8.34
CA GLN A 32 -1.34 -29.97 7.84
C GLN A 32 -0.39 -30.16 6.67
N LEU A 33 0.07 -29.07 6.05
CA LEU A 33 1.06 -29.13 4.98
C LEU A 33 2.49 -28.93 5.48
N ASP A 34 2.69 -28.03 6.44
CA ASP A 34 4.00 -27.83 7.06
C ASP A 34 3.77 -27.46 8.51
N ASP A 35 4.17 -28.36 9.42
CA ASP A 35 3.85 -28.21 10.83
C ASP A 35 4.62 -27.05 11.46
N GLU A 36 5.94 -27.01 11.24
CA GLU A 36 6.75 -25.94 11.81
C GLU A 36 6.39 -24.59 11.21
N LEU A 37 6.07 -24.56 9.92
CA LEU A 37 5.75 -23.31 9.25
C LEU A 37 4.54 -22.62 9.89
N SER A 38 3.43 -23.34 9.97
CA SER A 38 2.21 -22.77 10.54
C SER A 38 2.39 -22.42 12.01
N ASP A 39 3.15 -23.22 12.76
CA ASP A 39 3.30 -22.97 14.19
C ASP A 39 3.99 -21.63 14.43
N LEU A 40 4.98 -21.29 13.61
CA LEU A 40 5.60 -19.98 13.71
C LEU A 40 4.60 -18.87 13.43
N ALA A 41 3.79 -19.04 12.39
CA ALA A 41 2.78 -18.02 12.07
C ALA A 41 1.74 -17.92 13.17
N LEU A 42 1.37 -19.05 13.78
CA LEU A 42 0.41 -19.02 14.87
C LEU A 42 0.97 -18.28 16.07
N ASN A 43 2.25 -18.48 16.37
CA ASN A 43 2.87 -17.76 17.48
C ASN A 43 2.89 -16.26 17.22
N TRP A 44 3.20 -15.87 15.98
CA TRP A 44 3.08 -14.47 15.59
C TRP A 44 1.70 -13.92 15.92
N LEU A 45 0.66 -14.66 15.52
CA LEU A 45 -0.72 -14.23 15.80
C LEU A 45 -0.97 -14.08 17.29
N CYS A 46 -0.51 -15.05 18.08
CA CYS A 46 -0.73 -14.97 19.52
C CYS A 46 0.03 -13.82 20.16
N GLU A 47 1.19 -13.47 19.61
CA GLU A 47 1.93 -12.31 20.10
C GLU A 47 1.28 -10.99 19.70
N ARG A 48 0.62 -10.95 18.54
CA ARG A 48 0.14 -9.70 17.97
C ARG A 48 -1.37 -9.53 18.08
N GLN A 49 -2.04 -10.34 18.90
CA GLN A 49 -3.46 -10.11 19.13
C GLN A 49 -3.66 -8.80 19.88
N LEU A 50 -4.62 -8.00 19.42
CA LEU A 50 -4.83 -6.67 19.97
C LEU A 50 -5.54 -6.75 21.31
N PRO A 51 -5.41 -5.71 22.15
CA PRO A 51 -6.02 -5.75 23.49
C PRO A 51 -7.52 -6.00 23.49
N ASP A 52 -8.24 -5.62 22.43
CA ASP A 52 -9.68 -5.84 22.37
C ASP A 52 -10.06 -7.24 21.90
N GLY A 53 -9.08 -8.09 21.62
CA GLY A 53 -9.33 -9.43 21.12
C GLY A 53 -9.23 -9.56 19.61
N SER A 54 -9.18 -8.47 18.87
CA SER A 54 -9.11 -8.52 17.42
C SER A 54 -7.67 -8.61 16.94
N TRP A 55 -7.53 -8.87 15.65
CA TRP A 55 -6.25 -8.78 14.95
C TRP A 55 -6.33 -7.66 13.91
N GLY A 56 -5.17 -7.14 13.54
CA GLY A 56 -5.08 -6.07 12.58
C GLY A 56 -4.23 -4.95 13.12
N ALA A 57 -4.37 -3.79 12.50
CA ALA A 57 -3.63 -2.62 12.95
C ALA A 57 -4.18 -2.12 14.29
N GLU A 58 -3.27 -1.95 15.26
CA GLU A 58 -3.69 -1.38 16.54
C GLU A 58 -4.20 0.04 16.33
N PHE A 59 -3.57 0.78 15.42
CA PHE A 59 -3.95 2.13 15.08
C PHE A 59 -3.45 2.34 13.65
N PRO A 60 -4.27 2.90 12.75
CA PRO A 60 -5.63 3.38 12.97
C PRO A 60 -6.66 2.25 12.99
N PHE A 61 -7.83 2.52 13.57
CA PHE A 61 -8.92 1.55 13.46
C PHE A 61 -9.50 1.57 12.06
N CYS A 62 -9.68 0.39 11.50
CA CYS A 62 -10.31 0.24 10.19
C CYS A 62 -11.18 -1.01 10.23
N TYR A 63 -12.49 -0.84 10.05
CA TYR A 63 -13.41 -1.97 10.20
C TYR A 63 -13.03 -3.12 9.28
N GLU A 64 -12.76 -2.82 8.01
CA GLU A 64 -12.37 -3.86 7.06
C GLU A 64 -11.08 -4.54 7.50
N ASP A 65 -10.10 -3.75 7.97
CA ASP A 65 -8.84 -4.30 8.42
C ASP A 65 -9.04 -5.23 9.61
N ARG A 66 -9.81 -4.79 10.59
CA ARG A 66 -10.04 -5.61 11.79
C ARG A 66 -10.84 -6.85 11.47
N LEU A 67 -11.84 -6.74 10.58
CA LEU A 67 -12.73 -7.85 10.33
C LEU A 67 -12.01 -8.98 9.59
N LEU A 68 -11.31 -8.65 8.50
CA LEU A 68 -10.61 -9.68 7.74
C LEU A 68 -9.45 -10.28 8.53
N SER A 69 -8.70 -9.45 9.25
CA SER A 69 -7.60 -9.97 10.06
C SER A 69 -8.12 -10.89 11.15
N THR A 70 -9.23 -10.51 11.81
CA THR A 70 -9.76 -11.33 12.89
C THR A 70 -10.39 -12.61 12.35
N LEU A 71 -11.15 -12.51 11.26
CA LEU A 71 -11.70 -13.71 10.63
C LEU A 71 -10.59 -14.68 10.22
N ALA A 72 -9.58 -14.17 9.51
CA ALA A 72 -8.49 -15.04 9.08
C ALA A 72 -7.75 -15.64 10.27
N ALA A 73 -7.48 -14.83 11.30
CA ALA A 73 -6.76 -15.35 12.46
C ALA A 73 -7.60 -16.36 13.22
N MET A 74 -8.87 -16.05 13.47
CA MET A 74 -9.73 -16.96 14.23
C MET A 74 -9.91 -18.28 13.49
N ILE A 75 -9.97 -18.24 12.15
CA ILE A 75 -10.13 -19.46 11.37
C ILE A 75 -8.88 -20.33 11.50
N SER A 76 -7.70 -19.73 11.34
CA SER A 76 -6.46 -20.48 11.43
C SER A 76 -6.26 -21.10 12.80
N LEU A 77 -6.58 -20.34 13.87
CA LEU A 77 -6.44 -20.85 15.22
C LEU A 77 -7.39 -22.01 15.49
N THR A 78 -8.61 -21.93 14.95
CA THR A 78 -9.63 -22.95 15.20
C THR A 78 -9.43 -24.17 14.31
N SER A 79 -8.97 -23.97 13.07
CA SER A 79 -8.69 -25.11 12.20
C SER A 79 -7.48 -25.91 12.68
N ASN A 80 -6.55 -25.27 13.38
CA ASN A 80 -5.32 -25.95 13.79
C ASN A 80 -5.61 -27.05 14.80
N LYS A 81 -4.84 -28.14 14.70
CA LYS A 81 -5.08 -29.29 15.57
C LYS A 81 -4.70 -29.01 17.02
N HIS A 82 -3.99 -27.92 17.29
CA HIS A 82 -3.56 -27.57 18.63
C HIS A 82 -4.39 -26.44 19.23
N ARG A 83 -5.61 -26.21 18.72
CA ARG A 83 -6.43 -25.08 19.14
C ARG A 83 -6.60 -25.00 20.66
N ARG A 84 -6.54 -26.16 21.33
CA ARG A 84 -6.73 -26.17 22.77
C ARG A 84 -5.66 -25.38 23.52
N ARG A 85 -4.46 -25.26 22.95
CA ARG A 85 -3.40 -24.44 23.54
C ARG A 85 -3.65 -22.95 23.40
N ARG A 86 -4.57 -22.56 22.52
CA ARG A 86 -4.80 -21.16 22.22
C ARG A 86 -6.26 -20.79 22.49
N ALA A 87 -6.87 -21.46 23.46
CA ALA A 87 -8.28 -21.22 23.78
C ALA A 87 -8.49 -19.80 24.30
N ALA A 88 -7.54 -19.29 25.08
CA ALA A 88 -7.69 -17.93 25.60
C ALA A 88 -7.73 -16.90 24.47
N GLN A 89 -6.94 -17.11 23.41
CA GLN A 89 -6.96 -16.20 22.28
C GLN A 89 -8.27 -16.32 21.49
N VAL A 90 -8.80 -17.55 21.37
CA VAL A 90 -10.02 -17.75 20.60
C VAL A 90 -11.22 -17.14 21.31
N GLU A 91 -11.37 -17.42 22.61
CA GLU A 91 -12.45 -16.85 23.39
C GLU A 91 -12.43 -15.33 23.35
N LYS A 92 -11.26 -14.74 23.52
CA LYS A 92 -11.11 -13.29 23.41
C LYS A 92 -11.44 -12.83 21.99
N GLY A 93 -11.01 -13.60 21.00
CA GLY A 93 -11.30 -13.23 19.62
C GLY A 93 -12.77 -13.38 19.27
N LEU A 94 -13.44 -14.36 19.86
CA LEU A 94 -14.87 -14.53 19.63
C LEU A 94 -15.65 -13.30 20.05
N LEU A 95 -15.31 -12.72 21.21
CA LEU A 95 -16.00 -11.53 21.67
C LEU A 95 -15.74 -10.35 20.74
N ALA A 96 -14.48 -10.16 20.32
CA ALA A 96 -14.17 -9.10 19.37
C ALA A 96 -14.85 -9.35 18.04
N LEU A 97 -14.85 -10.61 17.58
CA LEU A 97 -15.44 -10.94 16.28
C LEU A 97 -16.95 -10.69 16.28
N LYS A 98 -17.62 -11.07 17.36
CA LYS A 98 -19.06 -10.81 17.45
C LYS A 98 -19.35 -9.31 17.43
N ASN A 99 -18.58 -8.54 18.19
CA ASN A 99 -18.76 -7.08 18.21
C ASN A 99 -18.56 -6.48 16.82
N LEU A 100 -17.63 -7.03 16.04
CA LEU A 100 -17.42 -6.55 14.68
C LEU A 100 -18.61 -6.88 13.78
N THR A 101 -19.05 -8.13 13.81
CA THR A 101 -20.17 -8.57 12.97
C THR A 101 -21.51 -8.00 13.44
N SER A 102 -21.64 -7.68 14.73
CA SER A 102 -22.84 -7.01 15.24
C SER A 102 -22.61 -5.51 15.35
N ASP A 114 -15.72 -1.81 1.46
CA ASP A 114 -15.02 -1.65 0.18
C ASP A 114 -13.82 -0.72 0.34
N ALA A 115 -13.49 -0.37 1.58
CA ALA A 115 -12.36 0.51 1.81
C ALA A 115 -11.03 -0.16 1.46
N THR A 116 -10.93 -1.47 1.64
CA THR A 116 -9.71 -2.21 1.37
C THR A 116 -9.87 -3.05 0.10
N VAL A 117 -8.75 -3.62 -0.34
CA VAL A 117 -8.71 -4.34 -1.61
C VAL A 117 -9.36 -5.71 -1.45
N GLY A 118 -10.31 -6.02 -2.34
CA GLY A 118 -10.99 -7.30 -2.31
C GLY A 118 -11.90 -7.53 -1.13
N PHE A 119 -12.23 -6.49 -0.35
CA PHE A 119 -13.04 -6.70 0.85
C PHE A 119 -14.37 -7.35 0.52
N GLU A 120 -15.10 -6.79 -0.46
CA GLU A 120 -16.41 -7.30 -0.80
C GLU A 120 -16.36 -8.72 -1.36
N LEU A 121 -15.23 -9.14 -1.91
CA LEU A 121 -15.11 -10.49 -2.47
C LEU A 121 -14.51 -11.49 -1.49
N ILE A 122 -13.74 -11.02 -0.51
CA ILE A 122 -13.07 -11.94 0.42
C ILE A 122 -13.90 -12.14 1.68
N ALA A 123 -14.39 -11.05 2.28
CA ALA A 123 -15.22 -11.14 3.49
C ALA A 123 -16.27 -12.24 3.46
N PRO A 124 -17.09 -12.39 2.41
CA PRO A 124 -18.13 -13.43 2.46
C PRO A 124 -17.56 -14.84 2.57
N THR A 125 -16.38 -15.10 2.02
CA THR A 125 -15.77 -16.42 2.12
C THR A 125 -15.23 -16.70 3.52
N LEU A 126 -14.69 -15.67 4.19
CA LEU A 126 -14.23 -15.83 5.56
C LEU A 126 -15.40 -15.84 6.55
N MET A 127 -16.47 -15.09 6.25
CA MET A 127 -17.67 -15.17 7.06
C MET A 127 -18.26 -16.57 7.02
N ALA A 128 -18.35 -17.17 5.83
CA ALA A 128 -18.89 -18.52 5.72
C ALA A 128 -17.98 -19.53 6.41
N GLU A 129 -16.66 -19.39 6.25
CA GLU A 129 -15.74 -20.36 6.85
C GLU A 129 -15.77 -20.25 8.37
N ALA A 130 -15.82 -19.03 8.91
CA ALA A 130 -15.94 -18.87 10.36
C ALA A 130 -17.21 -19.53 10.87
N ALA A 131 -18.32 -19.39 10.13
CA ALA A 131 -19.57 -20.00 10.53
C ALA A 131 -19.46 -21.52 10.54
N ARG A 132 -18.80 -22.08 9.53
CA ARG A 132 -18.60 -23.53 9.49
C ARG A 132 -17.88 -24.04 10.73
N LEU A 133 -16.95 -23.25 11.27
CA LEU A 133 -16.23 -23.61 12.47
C LEU A 133 -16.96 -23.22 13.75
N GLY A 134 -18.18 -22.71 13.64
CA GLY A 134 -18.92 -22.28 14.81
C GLY A 134 -18.40 -21.04 15.48
N LEU A 135 -17.72 -20.16 14.73
CA LEU A 135 -17.13 -18.96 15.27
C LEU A 135 -18.00 -17.73 15.13
N ALA A 136 -18.94 -17.72 14.19
CA ALA A 136 -19.69 -16.52 13.89
C ALA A 136 -21.07 -16.88 13.37
N ILE A 137 -21.97 -15.92 13.44
CA ILE A 137 -23.29 -16.02 12.86
C ILE A 137 -23.23 -15.55 11.41
N CYS A 138 -23.96 -16.23 10.53
CA CYS A 138 -23.97 -15.91 9.09
C CYS A 138 -22.58 -15.98 8.48
N LEU A 144 -27.37 -7.84 7.28
CA LEU A 144 -26.89 -7.06 6.15
C LEU A 144 -25.73 -7.77 5.46
N GLY A 145 -25.68 -9.09 5.62
CA GLY A 145 -24.70 -9.90 4.91
C GLY A 145 -25.00 -10.04 3.43
N GLU A 146 -25.07 -8.91 2.74
CA GLU A 146 -25.42 -8.87 1.32
C GLU A 146 -24.21 -8.95 0.41
N LEU A 147 -23.02 -8.98 0.99
CA LEU A 147 -21.81 -9.18 0.20
C LEU A 147 -21.81 -10.52 -0.52
N VAL A 148 -22.64 -11.46 -0.09
CA VAL A 148 -22.73 -12.75 -0.79
C VAL A 148 -23.19 -12.53 -2.22
N GLY A 149 -24.23 -11.71 -2.41
CA GLY A 149 -24.71 -11.44 -3.75
C GLY A 149 -23.82 -10.49 -4.53
N VAL A 150 -23.23 -9.52 -3.85
CA VAL A 150 -22.26 -8.61 -4.49
C VAL A 150 -21.12 -9.42 -5.09
N ARG A 151 -20.63 -10.41 -4.36
CA ARG A 151 -19.55 -11.26 -4.86
C ARG A 151 -19.98 -12.02 -6.10
N GLU A 152 -21.17 -12.62 -6.07
CA GLU A 152 -21.71 -13.29 -7.25
C GLU A 152 -21.74 -12.38 -8.46
N GLN A 153 -22.25 -11.16 -8.30
CA GLN A 153 -22.39 -10.23 -9.41
C GLN A 153 -21.03 -9.92 -10.04
N LYS A 154 -20.03 -9.61 -9.20
CA LYS A 154 -18.75 -9.19 -9.74
C LYS A 154 -17.99 -10.35 -10.36
N LEU A 155 -18.11 -11.55 -9.78
CA LEU A 155 -17.50 -12.73 -10.37
C LEU A 155 -18.04 -13.03 -11.76
N ARG A 156 -19.35 -12.85 -11.95
CA ARG A 156 -19.96 -13.15 -13.24
C ARG A 156 -19.39 -12.28 -14.37
N LYS A 157 -18.73 -11.18 -14.02
CA LYS A 157 -18.07 -10.35 -15.02
C LYS A 157 -16.76 -10.94 -15.51
N LEU A 158 -16.37 -12.11 -15.01
CA LEU A 158 -15.30 -12.87 -15.66
C LEU A 158 -15.72 -13.37 -17.03
N GLY A 159 -17.02 -13.48 -17.27
CA GLY A 159 -17.51 -13.96 -18.55
C GLY A 159 -17.13 -15.38 -18.89
N GLY A 160 -17.09 -16.28 -17.90
CA GLY A 160 -16.63 -17.62 -18.12
C GLY A 160 -15.13 -17.80 -18.14
N SER A 161 -14.37 -16.71 -18.14
CA SER A 161 -12.93 -16.82 -18.05
C SER A 161 -12.51 -17.15 -16.61
N LYS A 162 -11.25 -17.53 -16.45
CA LYS A 162 -10.72 -17.93 -15.16
C LYS A 162 -9.65 -16.96 -14.69
N ILE A 163 -9.38 -16.98 -13.39
CA ILE A 163 -8.40 -16.11 -12.78
C ILE A 163 -6.99 -16.63 -13.08
N ASN A 164 -6.10 -15.73 -13.49
CA ASN A 164 -4.70 -16.08 -13.69
C ASN A 164 -3.83 -14.87 -13.41
N LYS A 165 -2.53 -15.01 -13.72
CA LYS A 165 -1.51 -14.02 -13.37
C LYS A 165 -1.80 -12.64 -13.92
N HIS A 166 -2.54 -12.53 -15.02
CA HIS A 166 -2.71 -11.28 -15.73
C HIS A 166 -3.95 -10.53 -15.32
N ILE A 167 -4.58 -10.96 -14.22
CA ILE A 167 -5.81 -10.36 -13.71
C ILE A 167 -5.52 -9.90 -12.28
N THR A 168 -5.87 -8.64 -11.98
CA THR A 168 -5.60 -8.09 -10.65
C THR A 168 -6.29 -8.89 -9.57
N ALA A 169 -7.43 -9.50 -9.88
CA ALA A 169 -8.13 -10.32 -8.90
C ALA A 169 -7.27 -11.47 -8.38
N ALA A 170 -6.24 -11.88 -9.15
CA ALA A 170 -5.36 -12.94 -8.67
C ALA A 170 -4.65 -12.55 -7.39
N PHE A 171 -4.44 -11.25 -7.16
CA PHE A 171 -3.93 -10.79 -5.88
C PHE A 171 -4.88 -11.13 -4.73
N SER A 172 -6.17 -11.26 -5.02
CA SER A 172 -7.15 -11.67 -4.02
C SER A 172 -7.77 -13.03 -4.36
N VAL A 173 -6.99 -13.91 -4.99
CA VAL A 173 -7.47 -15.18 -5.54
C VAL A 173 -8.19 -16.01 -4.50
N GLU A 174 -7.87 -15.79 -3.21
CA GLU A 174 -8.55 -16.52 -2.15
C GLU A 174 -10.02 -16.17 -2.04
N LEU A 175 -10.48 -15.11 -2.72
CA LEU A 175 -11.90 -14.82 -2.79
C LEU A 175 -12.69 -15.98 -3.41
N ALA A 176 -12.03 -16.82 -4.20
CA ALA A 176 -12.69 -18.01 -4.72
C ALA A 176 -13.19 -18.90 -3.60
N GLY A 177 -12.48 -18.92 -2.48
CA GLY A 177 -12.88 -19.74 -1.36
C GLY A 177 -12.59 -21.21 -1.61
N GLN A 178 -13.02 -22.02 -0.65
CA GLN A 178 -12.69 -23.44 -0.67
C GLN A 178 -13.38 -24.17 -1.81
N ASP A 179 -14.54 -23.67 -2.26
CA ASP A 179 -15.33 -24.32 -3.30
C ASP A 179 -15.31 -23.57 -4.63
N GLY A 180 -14.40 -22.59 -4.79
CA GLY A 180 -14.31 -21.81 -6.01
C GLY A 180 -13.14 -22.13 -6.91
N VAL A 181 -12.45 -23.26 -6.68
CA VAL A 181 -11.24 -23.59 -7.44
C VAL A 181 -11.54 -23.72 -8.92
N GLY A 182 -12.76 -24.13 -9.28
CA GLY A 182 -13.11 -24.38 -10.67
C GLY A 182 -12.97 -23.19 -11.60
N MET A 183 -13.01 -21.96 -11.07
CA MET A 183 -12.90 -20.76 -11.87
C MET A 183 -11.50 -20.15 -11.82
N LEU A 184 -10.49 -20.94 -11.47
CA LEU A 184 -9.11 -20.51 -11.47
C LEU A 184 -8.31 -21.30 -12.50
N ASP A 185 -7.41 -20.61 -13.20
CA ASP A 185 -6.43 -21.29 -14.03
C ASP A 185 -5.36 -21.86 -13.11
N VAL A 186 -5.47 -23.14 -12.81
CA VAL A 186 -4.66 -23.77 -11.77
C VAL A 186 -3.17 -23.65 -12.08
N ASP A 187 -2.81 -23.77 -13.37
CA ASP A 187 -1.41 -23.74 -13.78
C ASP A 187 -0.97 -22.38 -14.33
N ASN A 188 -1.78 -21.34 -14.13
CA ASN A 188 -1.46 -20.00 -14.64
C ASN A 188 -1.52 -18.94 -13.54
N LEU A 189 -1.43 -19.34 -12.27
CA LEU A 189 -1.44 -18.39 -11.16
C LEU A 189 -0.06 -18.12 -10.59
N GLN A 190 0.81 -19.13 -10.55
CA GLN A 190 2.08 -19.00 -9.89
C GLN A 190 3.09 -18.28 -10.77
N GLU A 191 3.90 -17.44 -10.14
CA GLU A 191 4.92 -16.68 -10.83
C GLU A 191 6.30 -17.27 -10.56
N THR A 192 7.33 -16.59 -11.07
CA THR A 192 8.67 -17.15 -11.11
C THR A 192 9.13 -17.63 -9.73
N ASN A 193 8.79 -16.89 -8.67
CA ASN A 193 9.23 -17.21 -7.33
C ASN A 193 8.31 -18.21 -6.61
N GLY A 194 7.36 -18.80 -7.32
CA GLY A 194 6.42 -19.73 -6.72
C GLY A 194 5.21 -19.09 -6.07
N SER A 195 5.15 -17.76 -6.04
CA SER A 195 4.06 -17.03 -5.41
C SER A 195 2.90 -16.84 -6.38
N VAL A 196 1.75 -16.48 -5.82
CA VAL A 196 0.60 -16.00 -6.58
C VAL A 196 0.56 -14.50 -6.34
N LYS A 197 1.07 -13.72 -7.30
CA LYS A 197 1.01 -12.26 -7.29
C LYS A 197 1.76 -11.67 -6.08
N TYR A 198 2.80 -12.38 -5.63
CA TYR A 198 3.67 -11.90 -4.55
C TYR A 198 2.89 -11.62 -3.27
N SER A 199 1.78 -12.32 -3.08
CA SER A 199 0.95 -12.14 -1.90
C SER A 199 1.03 -13.38 -1.03
N PRO A 200 1.65 -13.31 0.14
CA PRO A 200 1.73 -14.49 1.01
C PRO A 200 0.38 -15.11 1.32
N SER A 201 -0.68 -14.29 1.44
CA SER A 201 -2.01 -14.84 1.68
C SER A 201 -2.54 -15.57 0.45
N ALA A 202 -2.40 -14.96 -0.73
CA ALA A 202 -2.82 -15.63 -1.96
C ALA A 202 -2.05 -16.92 -2.19
N SER A 203 -0.76 -16.93 -1.84
CA SER A 203 0.05 -18.14 -2.02
C SER A 203 -0.33 -19.22 -1.02
N ALA A 204 -0.63 -18.84 0.23
CA ALA A 204 -1.07 -19.81 1.21
C ALA A 204 -2.41 -20.43 0.81
N TYR A 205 -3.34 -19.60 0.35
CA TYR A 205 -4.59 -20.11 -0.20
C TYR A 205 -4.32 -21.11 -1.30
N PHE A 206 -3.53 -20.71 -2.29
CA PHE A 206 -3.18 -21.57 -3.42
C PHE A 206 -2.62 -22.91 -2.95
N ALA A 207 -1.59 -22.87 -2.10
CA ALA A 207 -0.94 -24.08 -1.63
C ALA A 207 -1.85 -24.95 -0.77
N LEU A 208 -3.01 -24.45 -0.36
CA LEU A 208 -3.92 -25.14 0.55
C LEU A 208 -5.13 -25.75 -0.15
N HIS A 209 -5.70 -25.05 -1.12
CA HIS A 209 -6.95 -25.47 -1.75
C HIS A 209 -6.87 -25.65 -3.26
N VAL A 210 -5.91 -25.02 -3.93
CA VAL A 210 -5.79 -25.09 -5.39
C VAL A 210 -4.81 -26.20 -5.81
N LYS A 211 -3.58 -26.15 -5.33
CA LYS A 211 -2.60 -27.21 -5.57
C LYS A 211 -2.05 -27.64 -4.21
N PRO A 212 -2.79 -28.50 -3.49
CA PRO A 212 -2.43 -28.80 -2.10
C PRO A 212 -1.01 -29.33 -1.96
N GLY A 213 -0.28 -28.74 -1.02
CA GLY A 213 1.10 -29.11 -0.79
C GLY A 213 2.08 -28.67 -1.85
N ASP A 214 1.68 -27.76 -2.76
CA ASP A 214 2.57 -27.29 -3.80
C ASP A 214 3.89 -26.83 -3.22
N LYS A 215 4.97 -27.49 -3.65
CA LYS A 215 6.28 -27.24 -3.04
C LYS A 215 6.74 -25.81 -3.27
N ARG A 216 6.45 -25.25 -4.45
CA ARG A 216 6.98 -23.94 -4.78
C ARG A 216 6.24 -22.82 -4.06
N ALA A 217 4.91 -22.93 -3.97
CA ALA A 217 4.16 -21.96 -3.18
C ALA A 217 4.58 -22.03 -1.71
N LEU A 218 4.74 -23.24 -1.18
CA LEU A 218 5.20 -23.40 0.20
C LEU A 218 6.62 -22.88 0.37
N ALA A 219 7.50 -23.15 -0.61
CA ALA A 219 8.87 -22.66 -0.52
C ALA A 219 8.91 -21.14 -0.54
N TYR A 220 8.07 -20.53 -1.38
CA TYR A 220 7.96 -19.07 -1.38
C TYR A 220 7.59 -18.55 0.00
N ILE A 221 6.52 -19.10 0.60
CA ILE A 221 6.09 -18.69 1.92
C ILE A 221 7.15 -19.02 2.96
N SER A 222 7.72 -20.22 2.89
CA SER A 222 8.71 -20.65 3.88
C SER A 222 9.88 -19.67 3.94
N SER A 223 10.35 -19.21 2.79
CA SER A 223 11.47 -18.26 2.75
C SER A 223 11.15 -16.98 3.51
N ILE A 224 9.91 -16.47 3.37
CA ILE A 224 9.52 -15.26 4.08
C ILE A 224 9.52 -15.49 5.59
N ILE A 225 8.94 -16.60 6.04
CA ILE A 225 8.83 -16.88 7.47
C ILE A 225 10.22 -17.13 8.06
N GLN A 226 11.10 -17.80 7.31
CA GLN A 226 12.46 -18.04 7.78
C GLN A 226 13.26 -16.75 7.85
N ALA A 227 13.03 -15.84 6.90
CA ALA A 227 13.84 -14.62 6.85
C ALA A 227 13.34 -13.56 7.81
N GLY A 228 12.05 -13.55 8.11
CA GLY A 228 11.44 -12.49 8.87
C GLY A 228 11.28 -12.81 10.34
N ASP A 229 10.22 -12.28 10.93
CA ASP A 229 9.94 -12.41 12.36
C ASP A 229 8.87 -13.46 12.64
N GLY A 230 8.61 -14.35 11.69
CA GLY A 230 7.54 -15.31 11.84
C GLY A 230 6.24 -14.93 11.15
N GLY A 231 6.09 -13.67 10.76
CA GLY A 231 4.89 -13.22 10.07
C GLY A 231 5.14 -13.01 8.59
N ALA A 232 4.10 -12.53 7.91
CA ALA A 232 4.15 -12.36 6.46
C ALA A 232 3.64 -11.00 6.05
N PRO A 233 4.29 -10.34 5.11
CA PRO A 233 3.88 -8.99 4.70
C PRO A 233 2.80 -9.03 3.63
N ALA A 234 2.33 -7.82 3.27
CA ALA A 234 1.30 -7.71 2.25
C ALA A 234 1.83 -8.09 0.86
N PHE A 235 3.10 -7.81 0.60
CA PHE A 235 3.68 -7.94 -0.74
C PHE A 235 5.16 -8.24 -0.60
N TYR A 236 5.69 -9.10 -1.47
CA TYR A 236 7.05 -9.60 -1.30
C TYR A 236 7.54 -10.27 -2.57
N GLN A 237 8.63 -9.77 -3.14
CA GLN A 237 9.25 -8.52 -2.71
C GLN A 237 8.62 -7.36 -3.46
N ALA A 238 9.07 -6.15 -3.16
CA ALA A 238 8.54 -4.94 -3.80
C ALA A 238 9.64 -3.90 -3.95
N GLU A 239 10.76 -4.30 -4.57
CA GLU A 239 11.93 -3.43 -4.58
C GLU A 239 11.74 -2.21 -5.48
N ILE A 240 10.98 -2.33 -6.56
CA ILE A 240 10.74 -1.16 -7.41
C ILE A 240 9.89 -0.14 -6.67
N PHE A 241 8.80 -0.60 -6.03
CA PHE A 241 7.97 0.30 -5.25
C PHE A 241 8.79 1.04 -4.19
N GLU A 242 9.63 0.30 -3.47
CA GLU A 242 10.39 0.91 -2.38
C GLU A 242 11.50 1.81 -2.90
N ILE A 243 12.19 1.41 -3.96
CA ILE A 243 13.20 2.28 -4.57
C ILE A 243 12.55 3.55 -5.10
N VAL A 244 11.50 3.39 -5.92
CA VAL A 244 10.88 4.54 -6.58
C VAL A 244 10.32 5.52 -5.54
N TRP A 245 9.67 5.02 -4.50
CA TRP A 245 9.13 5.92 -3.47
C TRP A 245 10.23 6.48 -2.58
N SER A 246 11.30 5.74 -2.34
CA SER A 246 12.40 6.29 -1.57
C SER A 246 13.10 7.41 -2.31
N LEU A 247 13.32 7.23 -3.61
CA LEU A 247 13.91 8.29 -4.42
C LEU A 247 12.98 9.49 -4.54
N TRP A 248 11.67 9.26 -4.65
CA TRP A 248 10.73 10.37 -4.75
C TRP A 248 10.83 11.28 -3.52
N ASN A 249 10.86 10.67 -2.33
CA ASN A 249 10.99 11.48 -1.12
C ASN A 249 12.34 12.16 -1.04
N LEU A 250 13.42 11.49 -1.45
CA LEU A 250 14.72 12.14 -1.52
C LEU A 250 14.66 13.39 -2.39
N SER A 251 14.04 13.30 -3.57
CA SER A 251 14.00 14.41 -4.51
C SER A 251 13.29 15.64 -3.94
N ARG A 252 12.55 15.49 -2.84
CA ARG A 252 11.92 16.63 -2.18
C ARG A 252 12.91 17.56 -1.51
N THR A 253 14.09 17.06 -1.12
CA THR A 253 15.08 17.86 -0.44
C THR A 253 15.87 18.69 -1.44
N ASP A 254 16.63 19.66 -0.92
CA ASP A 254 17.44 20.55 -1.76
C ASP A 254 18.71 19.82 -2.19
N ILE A 255 18.54 18.90 -3.12
CA ILE A 255 19.63 18.09 -3.66
C ILE A 255 19.60 18.24 -5.18
N ASP A 256 20.76 18.53 -5.78
CA ASP A 256 20.84 18.64 -7.24
C ASP A 256 21.00 17.23 -7.80
N LEU A 257 19.90 16.70 -8.33
CA LEU A 257 19.89 15.36 -8.92
C LEU A 257 20.55 15.31 -10.30
N SER A 258 20.79 16.46 -10.93
CA SER A 258 21.56 16.49 -12.16
C SER A 258 23.07 16.42 -11.90
N ASP A 259 23.50 16.49 -10.64
CA ASP A 259 24.92 16.41 -10.30
C ASP A 259 25.43 15.00 -10.58
N PRO A 260 26.50 14.83 -11.37
CA PRO A 260 26.98 13.48 -11.69
C PRO A 260 27.26 12.59 -10.49
N GLU A 261 27.78 13.13 -9.38
CA GLU A 261 28.01 12.25 -8.24
C GLU A 261 26.71 11.72 -7.66
N ILE A 262 25.67 12.56 -7.61
CA ILE A 262 24.38 12.11 -7.10
C ILE A 262 23.78 11.07 -8.02
N VAL A 263 23.84 11.30 -9.34
CA VAL A 263 23.39 10.29 -10.29
C VAL A 263 24.14 8.99 -10.06
N ARG A 264 25.46 9.06 -9.85
CA ARG A 264 26.24 7.84 -9.69
C ARG A 264 26.06 7.20 -8.32
N THR A 265 25.77 8.01 -7.29
CA THR A 265 25.47 7.42 -5.99
C THR A 265 24.21 6.57 -6.05
N TYR A 266 23.16 7.07 -6.73
CA TYR A 266 21.89 6.37 -6.85
C TYR A 266 21.73 5.70 -8.22
N LEU A 267 22.78 5.70 -9.03
CA LEU A 267 22.77 5.00 -10.32
C LEU A 267 22.26 3.57 -10.25
N PRO A 268 22.75 2.70 -9.36
CA PRO A 268 22.31 1.29 -9.43
C PRO A 268 20.81 1.10 -9.28
N TYR A 269 20.15 1.98 -8.53
CA TYR A 269 18.70 1.90 -8.34
C TYR A 269 17.93 2.45 -9.52
N LEU A 270 18.40 3.56 -10.11
CA LEU A 270 17.81 4.03 -11.36
C LEU A 270 17.95 2.99 -12.46
N ASP A 271 19.12 2.33 -12.53
CA ASP A 271 19.31 1.27 -13.52
C ASP A 271 18.36 0.11 -13.27
N HIS A 272 18.14 -0.26 -12.01
CA HIS A 272 17.24 -1.36 -11.71
C HIS A 272 15.83 -1.07 -12.21
N VAL A 273 15.33 0.14 -11.95
CA VAL A 273 14.00 0.52 -12.43
C VAL A 273 13.95 0.53 -13.94
N GLU A 274 14.95 1.17 -14.57
CA GLU A 274 14.97 1.27 -16.03
C GLU A 274 15.10 -0.10 -16.68
N GLN A 275 15.91 -1.00 -16.09
CA GLN A 275 16.13 -2.30 -16.69
C GLN A 275 14.85 -3.12 -16.76
N HIS A 276 13.97 -2.97 -15.77
CA HIS A 276 12.70 -3.67 -15.73
C HIS A 276 11.56 -2.82 -16.29
N TRP A 277 11.89 -1.65 -16.84
CA TRP A 277 10.89 -0.80 -17.47
C TRP A 277 10.60 -1.29 -18.88
N VAL A 278 9.33 -1.64 -19.14
CA VAL A 278 8.86 -2.00 -20.46
C VAL A 278 8.35 -0.75 -21.14
N ARG A 279 9.01 -0.35 -22.24
CA ARG A 279 8.62 0.87 -22.94
C ARG A 279 7.23 0.74 -23.52
N GLY A 280 6.43 1.79 -23.34
CA GLY A 280 5.03 1.75 -23.65
C GLY A 280 4.14 1.13 -22.59
N ARG A 281 4.73 0.56 -21.54
CA ARG A 281 3.91 -0.09 -20.52
C ARG A 281 4.31 0.29 -19.10
N GLY A 282 5.61 0.38 -18.81
CA GLY A 282 6.03 0.82 -17.50
C GLY A 282 6.56 -0.26 -16.59
N VAL A 283 6.29 -0.14 -15.29
CA VAL A 283 6.92 -0.95 -14.28
C VAL A 283 5.87 -1.43 -13.27
N GLY A 284 6.19 -2.55 -12.62
CA GLY A 284 5.45 -3.05 -11.50
C GLY A 284 6.20 -2.86 -10.19
N TRP A 285 5.72 -3.54 -9.16
CA TRP A 285 6.32 -3.42 -7.83
C TRP A 285 7.63 -4.15 -7.71
N THR A 286 7.81 -5.22 -8.47
CA THR A 286 9.05 -5.98 -8.44
C THR A 286 9.44 -6.28 -9.88
N GLY A 287 10.72 -6.63 -10.06
CA GLY A 287 11.25 -6.75 -11.42
C GLY A 287 10.48 -7.74 -12.28
N ASN A 288 10.20 -8.91 -11.73
CA ASN A 288 9.53 -9.98 -12.46
C ASN A 288 8.01 -9.81 -12.54
N SER A 289 7.48 -8.68 -12.10
CA SER A 289 6.03 -8.53 -12.02
C SER A 289 5.38 -8.64 -13.39
N THR A 290 4.28 -9.38 -13.44
CA THR A 290 3.57 -9.61 -14.70
C THR A 290 2.87 -8.34 -15.17
N LEU A 291 2.34 -7.56 -14.24
CA LEU A 291 1.51 -6.41 -14.55
C LEU A 291 2.22 -5.12 -14.17
N GLU A 292 2.16 -4.15 -15.08
CA GLU A 292 2.56 -2.79 -14.82
C GLU A 292 1.37 -2.03 -14.27
N ASP A 293 1.64 -1.00 -13.46
CA ASP A 293 0.57 -0.14 -12.98
C ASP A 293 0.97 1.32 -13.15
N CYS A 294 -0.05 2.15 -13.37
CA CYS A 294 0.18 3.58 -13.60
C CYS A 294 0.76 4.26 -12.37
N ASP A 295 0.39 3.79 -11.18
CA ASP A 295 0.86 4.41 -9.95
C ASP A 295 2.38 4.32 -9.84
N THR A 296 2.93 3.11 -9.93
CA THR A 296 4.38 2.93 -9.91
C THR A 296 5.03 3.58 -11.12
N THR A 297 4.41 3.44 -12.30
CA THR A 297 5.00 3.96 -13.53
C THR A 297 5.04 5.48 -13.53
N SER A 298 4.00 6.13 -13.02
CA SER A 298 3.98 7.60 -13.00
C SER A 298 5.04 8.16 -12.06
N VAL A 299 5.16 7.58 -10.86
CA VAL A 299 6.18 8.06 -9.92
C VAL A 299 7.57 7.72 -10.43
N ALA A 300 7.76 6.50 -10.96
CA ALA A 300 9.05 6.15 -11.54
C ALA A 300 9.43 7.09 -12.68
N TYR A 301 8.47 7.42 -13.54
CA TYR A 301 8.73 8.43 -14.57
C TYR A 301 9.22 9.72 -13.94
N ASP A 302 8.45 10.26 -12.99
CA ASP A 302 8.81 11.47 -12.29
C ASP A 302 10.23 11.38 -11.74
N VAL A 303 10.55 10.28 -11.06
CA VAL A 303 11.85 10.15 -10.41
C VAL A 303 12.98 10.07 -11.45
N LEU A 304 12.83 9.18 -12.43
CA LEU A 304 13.85 9.01 -13.45
C LEU A 304 14.16 10.31 -14.16
N SER A 305 13.13 11.09 -14.50
CA SER A 305 13.35 12.34 -15.24
C SER A 305 14.14 13.34 -14.41
N LYS A 306 13.80 13.48 -13.14
CA LYS A 306 14.53 14.43 -12.29
C LYS A 306 15.98 14.03 -12.11
N PHE A 307 16.29 12.75 -12.20
CA PHE A 307 17.65 12.25 -12.12
C PHE A 307 18.42 12.35 -13.43
N GLY A 308 17.86 13.03 -14.44
CA GLY A 308 18.54 13.21 -15.70
C GLY A 308 18.31 12.11 -16.71
N ARG A 309 17.48 11.12 -16.38
CA ARG A 309 17.11 10.12 -17.37
C ARG A 309 16.07 10.71 -18.32
N SER A 310 15.87 10.02 -19.45
CA SER A 310 14.86 10.39 -20.43
C SER A 310 13.89 9.23 -20.54
N PRO A 311 13.00 9.05 -19.56
CA PRO A 311 12.11 7.88 -19.58
C PRO A 311 10.95 8.06 -20.55
N ASP A 312 10.18 6.98 -20.72
CA ASP A 312 9.17 6.87 -21.76
C ASP A 312 7.80 7.25 -21.19
N ILE A 313 7.31 8.44 -21.57
CA ILE A 313 6.02 8.93 -21.08
C ILE A 313 4.87 8.11 -21.65
N GLY A 314 5.10 7.38 -22.75
CA GLY A 314 4.06 6.52 -23.28
C GLY A 314 3.61 5.45 -22.32
N ALA A 315 4.47 5.07 -21.36
CA ALA A 315 4.10 4.09 -20.36
C ALA A 315 3.08 4.61 -19.38
N VAL A 316 2.96 5.93 -19.24
CA VAL A 316 1.92 6.55 -18.43
C VAL A 316 0.63 6.72 -19.24
N LEU A 317 0.77 7.16 -20.49
CA LEU A 317 -0.40 7.49 -21.32
C LEU A 317 -1.23 6.27 -21.68
N GLN A 318 -0.64 5.08 -21.71
CA GLN A 318 -1.41 3.87 -22.02
C GLN A 318 -2.47 3.59 -20.97
N PHE A 319 -2.38 4.19 -19.79
CA PHE A 319 -3.39 4.07 -18.74
C PHE A 319 -4.49 5.11 -18.85
N GLU A 320 -4.41 6.02 -19.83
CA GLU A 320 -5.36 7.11 -19.89
C GLU A 320 -6.72 6.62 -20.36
N ASP A 321 -7.77 7.10 -19.70
CA ASP A 321 -9.14 6.75 -20.03
C ASP A 321 -9.94 8.04 -20.22
N ALA A 322 -11.25 7.88 -20.39
CA ALA A 322 -12.09 9.00 -20.83
C ALA A 322 -12.10 10.13 -19.81
N ASP A 323 -12.17 9.80 -18.52
CA ASP A 323 -12.34 10.80 -17.47
C ASP A 323 -11.25 10.78 -16.42
N TRP A 324 -10.26 9.88 -16.54
CA TRP A 324 -9.18 9.78 -15.56
C TRP A 324 -8.13 8.82 -16.09
N PHE A 325 -7.05 8.66 -15.33
CA PHE A 325 -6.07 7.63 -15.61
C PHE A 325 -6.37 6.39 -14.80
N ARG A 326 -6.26 5.24 -15.43
CA ARG A 326 -6.46 3.97 -14.74
C ARG A 326 -5.23 3.62 -13.93
N THR A 327 -5.44 2.82 -12.88
CA THR A 327 -4.33 2.24 -12.15
C THR A 327 -3.81 0.99 -12.84
N TYR A 328 -4.70 0.13 -13.30
CA TYR A 328 -4.35 -1.04 -14.07
C TYR A 328 -4.97 -0.94 -15.46
N PHE A 329 -4.25 -1.47 -16.45
CA PHE A 329 -4.62 -1.29 -17.86
C PHE A 329 -6.04 -1.75 -18.13
N HIS A 330 -6.42 -2.92 -17.61
CA HIS A 330 -7.69 -3.58 -17.90
C HIS A 330 -8.77 -3.27 -16.88
N GLU A 331 -8.47 -2.52 -15.83
CA GLU A 331 -9.43 -2.12 -14.81
C GLU A 331 -9.94 -0.72 -15.10
N VAL A 332 -11.11 -0.40 -14.56
CA VAL A 332 -11.78 0.86 -14.86
C VAL A 332 -11.76 1.81 -13.66
N GLY A 333 -11.96 1.30 -12.46
CA GLY A 333 -11.99 2.11 -11.26
C GLY A 333 -10.82 3.06 -11.11
N PRO A 334 -11.09 4.30 -10.77
CA PRO A 334 -10.01 5.30 -10.64
C PRO A 334 -9.42 5.35 -9.24
N SER A 335 -8.41 6.22 -9.10
CA SER A 335 -7.78 6.51 -7.82
C SER A 335 -7.27 7.94 -7.85
N ILE A 336 -7.35 8.62 -6.71
CA ILE A 336 -6.92 10.02 -6.65
C ILE A 336 -5.41 10.12 -6.79
N SER A 337 -4.66 9.43 -5.94
CA SER A 337 -3.20 9.57 -5.95
C SER A 337 -2.59 9.04 -7.24
N THR A 338 -3.16 7.96 -7.81
CA THR A 338 -2.73 7.54 -9.13
C THR A 338 -2.80 8.71 -10.11
N ASN A 339 -3.90 9.47 -10.07
CA ASN A 339 -4.02 10.63 -10.95
C ASN A 339 -3.17 11.80 -10.47
N VAL A 340 -2.94 11.91 -9.15
CA VAL A 340 -2.00 12.91 -8.67
C VAL A 340 -0.58 12.57 -9.13
N HIS A 341 -0.21 11.28 -9.02
CA HIS A 341 1.08 10.84 -9.55
C HIS A 341 1.20 11.17 -11.04
N VAL A 342 0.14 10.91 -11.81
CA VAL A 342 0.14 11.25 -13.24
C VAL A 342 0.36 12.74 -13.43
N LEU A 343 -0.38 13.56 -12.69
CA LEU A 343 -0.20 15.02 -12.77
C LEU A 343 1.25 15.40 -12.51
N GLY A 344 1.89 14.74 -11.53
CA GLY A 344 3.31 14.95 -11.32
C GLY A 344 4.14 14.52 -12.51
N ALA A 345 3.83 13.35 -13.07
CA ALA A 345 4.56 12.87 -14.24
C ALA A 345 4.35 13.81 -15.42
N LEU A 346 3.15 14.37 -15.58
CA LEU A 346 2.88 15.28 -16.68
C LEU A 346 3.63 16.59 -16.51
N LYS A 347 3.66 17.13 -15.29
CA LYS A 347 4.45 18.34 -15.03
C LYS A 347 5.92 18.10 -15.32
N GLN A 348 6.46 16.98 -14.85
CA GLN A 348 7.86 16.67 -15.07
C GLN A 348 8.16 16.45 -16.56
N ALA A 349 7.19 15.92 -17.30
CA ALA A 349 7.35 15.72 -18.74
C ALA A 349 7.25 17.02 -19.52
N GLY A 350 6.94 18.13 -18.86
CA GLY A 350 6.85 19.40 -19.54
C GLY A 350 5.50 19.74 -20.11
N TYR A 351 4.42 19.22 -19.53
CA TYR A 351 3.09 19.51 -20.06
C TYR A 351 2.65 20.92 -19.69
N ASP A 352 1.82 21.50 -20.55
CA ASP A 352 1.27 22.82 -20.33
C ASP A 352 0.09 22.73 -19.38
N LYS A 353 -0.12 23.81 -18.61
CA LYS A 353 -1.25 23.85 -17.69
C LYS A 353 -2.59 23.82 -18.42
N CYS A 354 -2.61 24.19 -19.70
CA CYS A 354 -3.82 24.18 -20.50
C CYS A 354 -4.03 22.87 -21.24
N HIS A 355 -3.15 21.89 -21.08
CA HIS A 355 -3.23 20.70 -21.90
C HIS A 355 -4.45 19.85 -21.51
N PRO A 356 -5.13 19.25 -22.49
CA PRO A 356 -6.30 18.40 -22.17
C PRO A 356 -6.01 17.30 -21.16
N ARG A 357 -4.79 16.76 -21.14
CA ARG A 357 -4.47 15.73 -20.16
C ARG A 357 -4.29 16.32 -18.77
N VAL A 358 -3.68 17.49 -18.68
CA VAL A 358 -3.56 18.18 -17.39
C VAL A 358 -4.95 18.58 -16.89
N ARG A 359 -5.79 19.14 -17.77
CA ARG A 359 -7.11 19.59 -17.35
C ARG A 359 -8.00 18.42 -16.95
N LYS A 360 -7.97 17.33 -17.73
CA LYS A 360 -8.78 16.17 -17.39
C LYS A 360 -8.40 15.61 -16.02
N VAL A 361 -7.11 15.59 -15.70
CA VAL A 361 -6.67 15.09 -14.41
C VAL A 361 -7.15 16.02 -13.28
N LEU A 362 -7.02 17.33 -13.49
CA LEU A 362 -7.47 18.29 -12.49
C LEU A 362 -8.98 18.21 -12.29
N GLU A 363 -9.73 18.10 -13.39
CA GLU A 363 -11.18 17.94 -13.29
C GLU A 363 -11.55 16.73 -12.45
N PHE A 364 -10.85 15.61 -12.67
CA PHE A 364 -11.10 14.42 -11.86
C PHE A 364 -10.79 14.68 -10.39
N ILE A 365 -9.67 15.34 -10.12
CA ILE A 365 -9.24 15.57 -8.74
C ILE A 365 -10.21 16.52 -8.04
N ARG A 366 -10.53 17.63 -8.70
CA ARG A 366 -11.43 18.63 -8.12
C ARG A 366 -12.79 18.03 -7.78
N SER A 367 -13.38 17.29 -8.72
CA SER A 367 -14.71 16.72 -8.54
C SER A 367 -14.75 15.59 -7.53
N SER A 368 -13.60 15.11 -7.07
CA SER A 368 -13.54 14.04 -6.09
C SER A 368 -12.96 14.50 -4.76
N LYS A 369 -12.80 15.80 -4.57
CA LYS A 369 -12.43 16.34 -3.27
C LYS A 369 -13.48 16.01 -2.22
N GLU A 370 -13.03 15.74 -1.00
CA GLU A 370 -13.96 15.59 0.10
C GLU A 370 -14.76 16.88 0.30
N PRO A 371 -16.03 16.78 0.65
CA PRO A 371 -16.82 17.99 0.86
C PRO A 371 -16.38 18.72 2.11
N GLY A 372 -16.44 20.05 2.08
CA GLY A 372 -16.06 20.86 3.21
C GLY A 372 -14.55 20.98 3.39
N ARG A 373 -13.87 19.85 3.49
CA ARG A 373 -12.42 19.84 3.64
C ARG A 373 -11.72 20.10 2.31
N PHE A 374 -10.48 20.57 2.40
CA PHE A 374 -9.57 20.66 1.26
C PHE A 374 -8.57 19.51 1.29
N CYS A 375 -9.10 18.29 1.30
CA CYS A 375 -8.28 17.10 1.38
C CYS A 375 -8.88 16.01 0.50
N TRP A 376 -8.08 14.98 0.25
CA TRP A 376 -8.44 13.88 -0.63
C TRP A 376 -8.14 12.56 0.05
N ARG A 377 -9.07 11.61 -0.07
CA ARG A 377 -8.90 10.26 0.43
C ARG A 377 -8.76 9.34 -0.77
N ASP A 378 -7.64 8.64 -0.85
CA ASP A 378 -7.25 8.00 -2.11
C ASP A 378 -7.61 6.51 -2.18
N LYS A 379 -7.66 5.82 -1.04
CA LYS A 379 -7.99 4.39 -0.99
C LYS A 379 -6.87 3.57 -1.63
N TRP A 380 -5.64 4.02 -1.41
CA TRP A 380 -4.38 3.35 -1.74
C TRP A 380 -3.47 3.70 -0.57
N HIS A 381 -3.89 4.76 0.13
CA HIS A 381 -3.33 5.22 1.39
C HIS A 381 -4.50 5.77 2.20
N ARG A 382 -4.52 5.49 3.50
CA ARG A 382 -5.64 5.91 4.34
C ARG A 382 -5.60 7.40 4.69
N SER A 383 -4.41 7.98 4.76
CA SER A 383 -4.27 9.36 5.19
C SER A 383 -4.59 10.34 4.07
N ALA A 384 -5.40 11.33 4.40
CA ALA A 384 -5.63 12.44 3.47
C ALA A 384 -4.40 13.31 3.30
N TYR A 385 -3.45 13.25 4.24
CA TYR A 385 -2.24 14.05 4.14
C TYR A 385 -1.29 13.54 3.07
N TYR A 386 -1.25 12.23 2.87
CA TYR A 386 -0.46 11.68 1.78
C TYR A 386 -0.90 12.28 0.44
N THR A 387 -2.18 12.16 0.13
CA THR A 387 -2.69 12.63 -1.17
C THR A 387 -2.68 14.16 -1.25
N THR A 388 -3.09 14.84 -0.19
CA THR A 388 -3.12 16.30 -0.21
C THR A 388 -1.72 16.88 -0.33
N ALA A 389 -0.75 16.34 0.42
CA ALA A 389 0.62 16.84 0.31
C ALA A 389 1.17 16.64 -1.10
N HIS A 390 0.96 15.45 -1.67
CA HIS A 390 1.50 15.18 -2.99
C HIS A 390 0.72 15.91 -4.08
N LEU A 391 -0.56 16.21 -3.84
CA LEU A 391 -1.30 17.04 -4.78
C LEU A 391 -0.70 18.45 -4.85
N ILE A 392 -0.36 19.03 -3.70
CA ILE A 392 0.26 20.35 -3.66
C ILE A 392 1.54 20.36 -4.47
N CYS A 393 2.39 19.34 -4.29
CA CYS A 393 3.62 19.25 -5.08
C CYS A 393 3.33 19.04 -6.55
N ALA A 394 2.26 18.32 -6.87
CA ALA A 394 1.98 17.97 -8.26
C ALA A 394 1.29 19.10 -9.03
N ALA A 395 0.47 19.90 -8.36
CA ALA A 395 -0.36 20.90 -9.02
C ALA A 395 0.31 22.27 -9.14
N SER A 396 1.54 22.42 -8.64
CA SER A 396 2.22 23.71 -8.75
C SER A 396 2.37 24.11 -10.20
N ASN A 397 2.09 25.39 -10.47
CA ASN A 397 2.04 25.99 -11.81
C ASN A 397 0.87 25.48 -12.64
N TYR A 398 0.00 24.63 -12.10
CA TYR A 398 -1.21 24.19 -12.77
C TYR A 398 -2.46 24.78 -12.15
N ASP A 399 -2.60 24.71 -10.83
CA ASP A 399 -3.77 25.21 -10.11
C ASP A 399 -3.28 25.65 -8.72
N ASP A 400 -2.59 26.79 -8.70
CA ASP A 400 -2.08 27.32 -7.45
C ASP A 400 -3.20 27.75 -6.49
N ALA A 401 -4.39 28.04 -7.00
CA ALA A 401 -5.52 28.31 -6.13
C ALA A 401 -5.89 27.08 -5.31
N LEU A 402 -5.92 25.92 -5.97
CA LEU A 402 -6.20 24.67 -5.25
C LEU A 402 -5.13 24.38 -4.22
N CYS A 403 -3.87 24.66 -4.55
CA CYS A 403 -2.78 24.37 -3.62
C CYS A 403 -2.82 25.29 -2.41
N SER A 404 -3.16 26.55 -2.63
CA SER A 404 -3.31 27.46 -1.49
C SER A 404 -4.37 26.94 -0.53
N ASP A 405 -5.52 26.50 -1.04
CA ASP A 405 -6.57 25.97 -0.18
C ASP A 405 -6.11 24.69 0.52
N ALA A 406 -5.39 23.82 -0.19
CA ALA A 406 -4.87 22.61 0.43
C ALA A 406 -3.90 22.95 1.55
N ILE A 407 -3.03 23.94 1.32
CA ILE A 407 -2.11 24.38 2.36
C ILE A 407 -2.88 24.93 3.55
N GLY A 408 -3.91 25.73 3.29
CA GLY A 408 -4.72 26.28 4.38
C GLY A 408 -5.30 25.18 5.26
N TRP A 409 -5.72 24.07 4.64
CA TRP A 409 -6.24 22.95 5.42
C TRP A 409 -5.14 22.30 6.25
N ILE A 410 -3.94 22.14 5.68
CA ILE A 410 -2.81 21.57 6.41
C ILE A 410 -2.46 22.44 7.61
N LEU A 411 -2.33 23.75 7.38
CA LEU A 411 -1.99 24.67 8.47
C LEU A 411 -3.08 24.68 9.54
N ASN A 412 -4.35 24.59 9.13
CA ASN A 412 -5.44 24.70 10.10
C ASN A 412 -5.54 23.45 10.98
N THR A 413 -5.10 22.30 10.47
CA THR A 413 -5.20 21.04 11.19
C THR A 413 -3.91 20.66 11.90
N GLN A 414 -2.95 21.57 11.99
CA GLN A 414 -1.72 21.27 12.73
C GLN A 414 -2.00 21.25 14.22
N ARG A 415 -1.42 20.26 14.91
CA ARG A 415 -1.71 20.04 16.31
C ARG A 415 -0.88 20.97 17.19
N PRO A 416 -1.29 21.16 18.45
CA PRO A 416 -0.55 22.07 19.33
C PRO A 416 0.93 21.76 19.46
N ASP A 417 1.33 20.48 19.39
CA ASP A 417 2.73 20.11 19.50
C ASP A 417 3.48 20.18 18.17
N GLY A 418 2.83 20.62 17.10
CA GLY A 418 3.46 20.75 15.80
C GLY A 418 3.18 19.60 14.85
N SER A 419 2.53 18.53 15.31
CA SER A 419 2.35 17.32 14.53
C SER A 419 1.02 17.32 13.78
N TRP A 420 0.87 16.34 12.90
CA TRP A 420 -0.37 16.11 12.15
C TRP A 420 -0.83 14.67 12.31
N GLY A 421 -2.13 14.47 12.24
CA GLY A 421 -2.72 13.15 12.26
C GLY A 421 -4.13 13.22 11.73
N PHE A 422 -4.53 12.18 10.99
CA PHE A 422 -5.83 12.17 10.33
C PHE A 422 -6.82 11.20 10.97
N PHE A 423 -6.44 10.47 12.01
CA PHE A 423 -7.31 9.46 12.60
C PHE A 423 -7.35 9.58 14.12
N ASP A 424 -8.54 9.37 14.68
CA ASP A 424 -8.74 9.08 16.10
C ASP A 424 -7.93 9.98 17.02
N GLY A 425 -7.62 11.20 16.55
CA GLY A 425 -6.94 12.19 17.37
C GLY A 425 -5.50 11.87 17.72
N GLN A 426 -4.79 11.12 16.88
CA GLN A 426 -3.40 10.77 17.15
C GLN A 426 -2.50 11.16 16.00
N ALA A 427 -1.30 11.61 16.33
CA ALA A 427 -0.34 12.03 15.34
C ALA A 427 0.45 10.84 14.80
N THR A 428 1.05 11.04 13.63
CA THR A 428 1.87 10.04 12.98
C THR A 428 3.10 10.72 12.40
N ALA A 429 4.26 10.10 12.58
CA ALA A 429 5.48 10.62 11.97
C ALA A 429 5.36 10.67 10.45
N GLU A 430 4.71 9.67 9.85
CA GLU A 430 4.57 9.64 8.40
C GLU A 430 3.68 10.78 7.91
N GLU A 431 2.53 10.97 8.54
CA GLU A 431 1.63 12.05 8.13
C GLU A 431 2.26 13.41 8.37
N THR A 432 3.00 13.57 9.47
CA THR A 432 3.72 14.82 9.71
C THR A 432 4.78 15.05 8.64
N ALA A 433 5.49 14.00 8.24
CA ALA A 433 6.52 14.13 7.21
C ALA A 433 5.93 14.61 5.89
N TYR A 434 4.76 14.10 5.51
CA TYR A 434 4.13 14.55 4.27
C TYR A 434 3.74 16.01 4.34
N CYS A 435 3.22 16.45 5.50
CA CYS A 435 2.84 17.85 5.64
C CYS A 435 4.06 18.76 5.55
N ILE A 436 5.17 18.34 6.14
CA ILE A 436 6.41 19.12 6.03
C ILE A 436 6.83 19.24 4.57
N GLN A 437 6.81 18.13 3.84
CA GLN A 437 7.15 18.16 2.42
C GLN A 437 6.28 19.16 1.67
N ALA A 438 4.97 19.16 1.93
CA ALA A 438 4.07 20.06 1.22
C ALA A 438 4.29 21.50 1.63
N LEU A 439 4.47 21.77 2.93
CA LEU A 439 4.72 23.12 3.39
C LEU A 439 6.02 23.67 2.83
N ALA A 440 7.10 22.88 2.88
CA ALA A 440 8.37 23.32 2.33
C ALA A 440 8.27 23.57 0.83
N HIS A 441 7.52 22.73 0.12
CA HIS A 441 7.35 22.94 -1.33
C HIS A 441 6.63 24.25 -1.62
N TRP A 442 5.51 24.48 -0.93
CA TRP A 442 4.75 25.71 -1.14
C TRP A 442 5.59 26.93 -0.83
N GLN A 443 6.40 26.86 0.24
CA GLN A 443 7.28 27.96 0.61
C GLN A 443 8.23 28.32 -0.52
N ARG A 444 8.85 27.31 -1.13
CA ARG A 444 9.72 27.56 -2.27
C ARG A 444 8.94 28.12 -3.46
N HIS A 445 7.76 27.57 -3.72
CA HIS A 445 7.02 27.97 -4.91
C HIS A 445 6.47 29.38 -4.78
N SER A 446 5.80 29.66 -3.66
CA SER A 446 5.04 30.91 -3.52
C SER A 446 5.82 32.01 -2.84
N GLY A 447 6.89 31.71 -2.12
CA GLY A 447 7.56 32.68 -1.30
C GLY A 447 6.89 32.92 0.05
N THR A 448 5.77 32.26 0.32
CA THR A 448 5.12 32.34 1.62
C THR A 448 6.03 31.77 2.69
N SER A 449 6.25 32.53 3.76
CA SER A 449 7.09 32.06 4.86
C SER A 449 6.31 31.08 5.73
N LEU A 450 6.68 29.80 5.66
CA LEU A 450 6.10 28.75 6.49
C LEU A 450 7.14 28.14 7.43
N SER A 451 8.27 28.82 7.64
CA SER A 451 9.35 28.26 8.43
C SER A 451 8.94 28.00 9.87
N ALA A 452 8.03 28.81 10.41
CA ALA A 452 7.61 28.62 11.79
C ALA A 452 6.88 27.30 11.98
N GLN A 453 6.01 26.93 11.04
CA GLN A 453 5.26 25.68 11.14
C GLN A 453 6.12 24.47 10.83
N ILE A 454 7.03 24.59 9.86
CA ILE A 454 7.97 23.52 9.57
C ILE A 454 8.89 23.29 10.77
N SER A 455 9.31 24.36 11.43
CA SER A 455 10.21 24.23 12.58
C SER A 455 9.53 23.50 13.73
N ARG A 456 8.28 23.86 14.03
CA ARG A 456 7.53 23.18 15.09
C ARG A 456 7.32 21.71 14.74
N ALA A 457 6.94 21.43 13.50
CA ALA A 457 6.75 20.04 13.08
C ALA A 457 8.05 19.26 13.19
N GLY A 458 9.17 19.85 12.77
CA GLY A 458 10.45 19.18 12.87
C GLY A 458 10.84 18.90 14.31
N GLY A 459 10.50 19.81 15.22
CA GLY A 459 10.77 19.55 16.63
C GLY A 459 10.06 18.31 17.13
N TRP A 460 8.79 18.17 16.78
CA TRP A 460 8.04 16.98 17.17
C TRP A 460 8.53 15.75 16.42
N LEU A 461 8.78 15.89 15.12
CA LEU A 461 9.12 14.74 14.28
C LEU A 461 10.41 14.07 14.76
N SER A 462 11.41 14.86 15.15
CA SER A 462 12.69 14.32 15.58
C SER A 462 12.60 13.56 16.89
N GLN A 463 11.52 13.73 17.65
CA GLN A 463 11.29 13.00 18.89
C GLN A 463 10.38 11.81 18.71
N HIS A 464 9.79 11.64 17.53
CA HIS A 464 8.81 10.58 17.30
C HIS A 464 9.00 9.91 15.94
N CYS A 465 10.24 9.88 15.44
CA CYS A 465 10.54 9.31 14.15
C CYS A 465 10.98 7.86 14.21
N GLU A 466 10.94 7.25 15.37
CA GLU A 466 11.40 5.87 15.45
C GLU A 466 10.26 4.90 15.17
N PRO A 467 10.56 3.76 14.56
CA PRO A 467 9.54 2.72 14.37
C PRO A 467 9.15 2.10 15.69
N PRO A 468 8.06 1.31 15.74
CA PRO A 468 7.16 0.90 14.65
C PRO A 468 6.29 2.04 14.15
N TYR A 469 5.93 2.02 12.87
CA TYR A 469 5.08 3.04 12.28
C TYR A 469 3.67 2.51 12.08
N ALA A 470 2.71 3.42 12.09
CA ALA A 470 1.33 3.04 11.85
C ALA A 470 1.18 2.53 10.42
N PRO A 471 0.47 1.42 10.21
CA PRO A 471 0.24 0.94 8.85
C PRO A 471 -0.87 1.72 8.15
N LEU A 472 -0.50 2.70 7.34
CA LEU A 472 -1.48 3.57 6.69
C LEU A 472 -1.68 3.25 5.21
N TRP A 473 -0.94 2.28 4.68
CA TRP A 473 -1.08 1.86 3.29
C TRP A 473 -2.14 0.77 3.18
N ILE A 474 -2.87 0.77 2.08
CA ILE A 474 -4.02 -0.11 1.88
C ILE A 474 -3.66 -1.19 0.88
N ALA A 475 -3.73 -2.45 1.33
CA ALA A 475 -3.78 -3.60 0.44
C ALA A 475 -5.10 -4.31 0.71
N LYS A 476 -5.08 -5.63 0.89
CA LYS A 476 -6.30 -6.29 1.36
C LYS A 476 -6.59 -5.91 2.80
N THR A 477 -5.55 -5.63 3.58
CA THR A 477 -5.64 -5.01 4.90
C THR A 477 -4.63 -3.87 4.95
N LEU A 478 -4.52 -3.22 6.10
CA LEU A 478 -3.55 -2.15 6.26
C LEU A 478 -2.15 -2.70 6.40
N TYR A 479 -1.18 -1.98 5.83
CA TYR A 479 0.21 -2.39 5.93
C TYR A 479 1.10 -1.16 5.96
N CYS A 480 2.36 -1.38 6.31
CA CYS A 480 3.36 -0.34 6.39
C CYS A 480 4.61 -0.79 5.66
N SER A 481 5.15 0.08 4.81
CA SER A 481 6.48 -0.10 4.24
C SER A 481 7.41 0.80 5.03
N ALA A 482 8.13 0.20 5.99
CA ALA A 482 9.04 0.98 6.83
C ALA A 482 10.08 1.73 6.01
N THR A 483 10.55 1.12 4.91
CA THR A 483 11.55 1.76 4.07
C THR A 483 11.02 3.06 3.47
N VAL A 484 9.77 3.06 3.00
CA VAL A 484 9.20 4.24 2.39
C VAL A 484 8.92 5.31 3.45
N VAL A 485 8.40 4.90 4.61
CA VAL A 485 8.12 5.86 5.68
C VAL A 485 9.41 6.51 6.16
N LYS A 486 10.46 5.71 6.36
CA LYS A 486 11.76 6.27 6.73
C LYS A 486 12.25 7.27 5.70
N ALA A 487 12.07 6.96 4.42
CA ALA A 487 12.44 7.90 3.37
C ALA A 487 11.66 9.19 3.49
N ALA A 488 10.37 9.10 3.78
CA ALA A 488 9.55 10.29 3.97
C ALA A 488 10.03 11.09 5.18
N ILE A 489 10.47 10.41 6.24
CA ILE A 489 10.86 11.11 7.46
C ILE A 489 12.21 11.78 7.29
N LEU A 490 13.19 11.05 6.75
CA LEU A 490 14.48 11.66 6.41
C LEU A 490 14.30 12.87 5.51
N SER A 491 13.49 12.73 4.46
CA SER A 491 13.21 13.86 3.58
C SER A 491 12.64 15.04 4.36
N ALA A 492 11.66 14.78 5.22
CA ALA A 492 11.06 15.86 6.00
C ALA A 492 12.06 16.46 6.97
N LEU A 493 12.88 15.61 7.61
CA LEU A 493 13.84 16.11 8.59
C LEU A 493 14.89 17.00 7.94
N ARG A 494 15.34 16.65 6.74
CA ARG A 494 16.31 17.49 6.05
C ARG A 494 15.68 18.77 5.54
N LEU A 495 14.42 18.73 5.14
CA LEU A 495 13.70 19.94 4.79
C LEU A 495 13.60 20.89 5.98
N VAL A 496 13.39 20.35 7.18
CA VAL A 496 13.36 21.18 8.39
C VAL A 496 14.69 21.90 8.55
N ASP A 497 15.79 21.16 8.43
CA ASP A 497 17.12 21.77 8.52
C ASP A 497 17.30 22.88 7.50
N GLU A 498 16.78 22.68 6.29
CA GLU A 498 16.90 23.69 5.25
C GLU A 498 16.23 25.00 5.64
N SER A 499 15.17 24.93 6.42
CA SER A 499 14.48 26.12 6.91
C SER A 499 15.02 26.59 8.25
N ASN A 500 16.12 26.01 8.72
CA ASN A 500 16.72 26.34 10.01
C ASN A 500 15.73 26.12 11.17
#